data_2B5G
#
_entry.id   2B5G
#
_cell.length_a   74.212
_cell.length_b   74.212
_cell.length_c   63.077
_cell.angle_alpha   90.00
_cell.angle_beta   90.00
_cell.angle_gamma   90.00
#
_symmetry.space_group_name_H-M   'P 43'
#
loop_
_entity.id
_entity.type
_entity.pdbx_description
1 polymer 'Diamine acetyltransferase 1'
2 polymer 'Diamine acetyltransferase 1'
3 non-polymer 'SULFATE ION'
4 water water
#
loop_
_entity_poly.entity_id
_entity_poly.type
_entity_poly.pdbx_seq_one_letter_code
_entity_poly.pdbx_strand_id
1 'polypeptide(L)'
;(MSE)AKFVIRPATAADCSDILRLIKELAKYEY(MSE)EEQVILTEKDLLEDGFGEHPFYHCLVAEVPKEHWTPEGHSIV
GFA(MSE)YYFTYDPWIGKLLYLEDFFV(MSE)SDYRGFGIGSEILKNLSQVA(MSE)RCRCSS(MSE)HFLVAEWNEPS
INFYKRRGASDLSSEEGWRLFKIDKEYLLK(MSE)ATEE
;
A
2 'polypeptide(L)'
;(MSE)AKFVIRPATAADCSDILRLIKELA(ALY)YEY(MSE)EEQVILTEKDLLEDGFGEHPFYHCLVAEVPKEHWTPEG
HSIVGFA(MSE)YYFTYDPWIGKLLYLEDFFV(MSE)SDYRGFGIGSEILKNLSQVA(MSE)RCRCSS(MSE)HFLVAEW
NEPSINFYKRRGASDLSSEEGWRLFKIDKEYLLK(MSE)ATEE
;
B
#
loop_
_chem_comp.id
_chem_comp.type
_chem_comp.name
_chem_comp.formula
SO4 non-polymer 'SULFATE ION' 'O4 S -2'
#
# COMPACT_ATOMS: atom_id res chain seq x y z
N ALA A 2 -29.75 -10.23 13.94
CA ALA A 2 -28.58 -9.37 13.65
C ALA A 2 -27.37 -9.91 14.37
N LYS A 3 -27.39 -11.23 14.60
CA LYS A 3 -26.25 -11.91 15.17
C LYS A 3 -25.30 -11.89 13.96
N PHE A 4 -24.02 -11.70 14.22
CA PHE A 4 -23.07 -11.75 13.13
C PHE A 4 -21.75 -12.28 13.69
N VAL A 5 -20.90 -12.74 12.80
CA VAL A 5 -19.56 -13.14 13.22
C VAL A 5 -18.59 -12.51 12.25
N ILE A 6 -17.39 -12.20 12.74
CA ILE A 6 -16.33 -11.69 11.91
C ILE A 6 -15.31 -12.81 11.71
N ARG A 7 -14.91 -13.04 10.46
CA ARG A 7 -13.95 -14.10 10.20
C ARG A 7 -13.16 -13.81 8.92
N PRO A 8 -12.04 -14.52 8.73
CA PRO A 8 -11.30 -14.27 7.51
C PRO A 8 -12.13 -14.80 6.34
N ALA A 9 -11.94 -14.18 5.19
CA ALA A 9 -12.61 -14.66 3.97
C ALA A 9 -11.84 -15.90 3.50
N THR A 10 -12.55 -16.82 2.86
CA THR A 10 -11.88 -17.98 2.28
C THR A 10 -12.18 -17.91 0.79
N ALA A 11 -11.59 -18.84 0.05
CA ALA A 11 -11.79 -18.86 -1.41
C ALA A 11 -13.27 -18.93 -1.74
N ALA A 12 -14.04 -19.64 -0.92
CA ALA A 12 -15.47 -19.78 -1.17
C ALA A 12 -16.26 -18.49 -1.11
N ASP A 13 -15.67 -17.45 -0.51
CA ASP A 13 -16.34 -16.16 -0.35
C ASP A 13 -16.13 -15.18 -1.48
N CYS A 14 -15.37 -15.54 -2.51
CA CYS A 14 -15.12 -14.57 -3.59
C CYS A 14 -16.33 -13.96 -4.27
N SER A 15 -17.40 -14.71 -4.48
CA SER A 15 -18.52 -14.06 -5.14
C SER A 15 -19.11 -13.01 -4.22
N ASP A 16 -19.13 -13.30 -2.92
CA ASP A 16 -19.66 -12.30 -1.98
C ASP A 16 -18.77 -11.07 -1.89
N ILE A 17 -17.46 -11.25 -1.96
CA ILE A 17 -16.55 -10.10 -1.89
C ILE A 17 -16.80 -9.22 -3.12
N LEU A 18 -16.89 -9.83 -4.30
CA LEU A 18 -17.15 -9.04 -5.50
C LEU A 18 -18.48 -8.29 -5.36
N ARG A 19 -19.51 -8.95 -4.83
CA ARG A 19 -20.82 -8.32 -4.66
C ARG A 19 -20.73 -7.10 -3.76
N LEU A 20 -19.96 -7.23 -2.67
CA LEU A 20 -19.79 -6.13 -1.73
C LEU A 20 -18.96 -5.01 -2.31
N ILE A 21 -17.97 -5.34 -3.13
CA ILE A 21 -17.16 -4.29 -3.77
C ILE A 21 -18.08 -3.46 -4.65
N LYS A 22 -18.99 -4.12 -5.37
CA LYS A 22 -19.94 -3.42 -6.22
C LYS A 22 -20.92 -2.60 -5.38
N GLU A 23 -21.31 -3.13 -4.22
CA GLU A 23 -22.20 -2.39 -3.31
C GLU A 23 -21.42 -1.14 -2.87
N LEU A 24 -20.17 -1.35 -2.44
CA LEU A 24 -19.31 -0.25 -1.99
C LEU A 24 -19.18 0.82 -3.08
N ALA A 25 -19.07 0.42 -4.34
CA ALA A 25 -18.94 1.40 -5.40
C ALA A 25 -20.11 2.39 -5.44
N LYS A 26 -21.28 1.97 -4.98
CA LYS A 26 -22.42 2.89 -4.99
C LYS A 26 -22.27 3.92 -3.87
N TYR A 27 -21.30 3.66 -3.00
CA TYR A 27 -20.96 4.50 -1.86
C TYR A 27 -21.97 4.41 -0.72
N GLU A 32 -15.36 4.19 -10.23
CA GLU A 32 -16.55 3.42 -9.92
C GLU A 32 -16.74 2.26 -10.91
N GLN A 33 -15.82 2.13 -11.87
CA GLN A 33 -15.91 1.08 -12.90
C GLN A 33 -15.24 -0.22 -12.44
N VAL A 34 -15.96 -1.05 -11.69
CA VAL A 34 -15.39 -2.31 -11.21
C VAL A 34 -15.16 -3.30 -12.34
N ILE A 35 -13.90 -3.52 -12.71
CA ILE A 35 -13.62 -4.46 -13.79
C ILE A 35 -13.08 -5.76 -13.24
N LEU A 36 -12.75 -5.74 -11.95
CA LEU A 36 -12.23 -6.94 -11.31
C LEU A 36 -13.30 -8.04 -11.43
N THR A 37 -12.86 -9.27 -11.55
CA THR A 37 -13.79 -10.38 -11.64
C THR A 37 -13.61 -11.28 -10.44
N GLU A 38 -14.56 -12.19 -10.28
CA GLU A 38 -14.51 -13.15 -9.21
C GLU A 38 -13.22 -13.95 -9.37
N LYS A 39 -12.91 -14.31 -10.61
CA LYS A 39 -11.71 -15.07 -10.93
C LYS A 39 -10.46 -14.34 -10.40
N ASP A 40 -10.41 -13.03 -10.63
CA ASP A 40 -9.29 -12.23 -10.11
C ASP A 40 -9.18 -12.36 -8.60
N LEU A 41 -10.30 -12.18 -7.91
CA LEU A 41 -10.31 -12.26 -6.44
C LEU A 41 -9.79 -13.60 -5.96
N LEU A 42 -10.16 -14.68 -6.65
CA LEU A 42 -9.66 -15.97 -6.22
C LEU A 42 -8.18 -16.20 -6.45
N GLU A 43 -7.70 -15.89 -7.65
CA GLU A 43 -6.29 -16.10 -7.91
C GLU A 43 -5.37 -15.13 -7.17
N ASP A 44 -5.86 -13.92 -6.96
CA ASP A 44 -5.02 -12.90 -6.29
C ASP A 44 -5.09 -13.04 -4.78
N GLY A 45 -6.17 -13.61 -4.27
CA GLY A 45 -6.31 -13.73 -2.84
C GLY A 45 -6.03 -15.06 -2.21
N PHE A 46 -5.98 -16.12 -3.00
CA PHE A 46 -5.77 -17.41 -2.39
C PHE A 46 -4.69 -18.30 -2.98
N GLY A 47 -3.68 -17.67 -3.55
CA GLY A 47 -2.56 -18.40 -4.10
C GLY A 47 -1.53 -18.50 -2.99
N GLU A 48 -0.31 -18.91 -3.34
CA GLU A 48 0.75 -19.05 -2.35
C GLU A 48 1.15 -17.68 -1.81
N HIS A 49 0.97 -16.65 -2.65
CA HIS A 49 1.31 -15.29 -2.24
C HIS A 49 0.13 -14.33 -2.44
N PRO A 50 -0.78 -14.31 -1.44
CA PRO A 50 -1.97 -13.46 -1.47
C PRO A 50 -1.65 -11.99 -1.54
N PHE A 51 -2.33 -11.27 -2.43
CA PHE A 51 -2.10 -9.83 -2.58
C PHE A 51 -2.98 -8.98 -1.68
N TYR A 52 -3.96 -9.63 -1.04
CA TYR A 52 -4.85 -8.93 -0.12
C TYR A 52 -5.40 -9.96 0.85
N HIS A 53 -5.93 -9.45 1.95
CA HIS A 53 -6.57 -10.26 2.98
C HIS A 53 -7.90 -9.58 3.22
N CYS A 54 -8.91 -10.33 3.61
CA CYS A 54 -10.20 -9.71 3.91
C CYS A 54 -10.78 -10.38 5.14
N LEU A 55 -11.41 -9.55 5.95
CA LEU A 55 -12.20 -10.02 7.09
C LEU A 55 -13.63 -9.74 6.58
N VAL A 56 -14.53 -10.70 6.79
CA VAL A 56 -15.92 -10.53 6.39
C VAL A 56 -16.84 -10.67 7.58
N ALA A 57 -18.04 -10.11 7.45
CA ALA A 57 -19.06 -10.20 8.49
C ALA A 57 -20.15 -11.08 7.91
N GLU A 58 -20.45 -12.16 8.63
CA GLU A 58 -21.49 -13.12 8.20
C GLU A 58 -22.67 -13.17 9.15
N VAL A 59 -23.88 -13.17 8.59
CA VAL A 59 -25.10 -13.22 9.41
C VAL A 59 -25.85 -14.53 9.14
N PRO A 60 -26.66 -14.99 10.12
CA PRO A 60 -27.42 -16.24 9.93
C PRO A 60 -28.60 -16.01 8.98
N LYS A 61 -29.28 -17.10 8.62
CA LYS A 61 -30.39 -17.00 7.68
C LYS A 61 -31.55 -16.03 7.94
N GLU A 62 -32.03 -15.95 9.18
CA GLU A 62 -33.15 -15.04 9.48
C GLU A 62 -32.82 -13.60 9.14
N HIS A 63 -31.53 -13.29 8.93
CA HIS A 63 -31.14 -11.94 8.59
C HIS A 63 -30.41 -11.82 7.26
N TRP A 64 -30.48 -12.86 6.44
CA TRP A 64 -29.84 -12.80 5.14
C TRP A 64 -30.39 -11.60 4.38
N THR A 65 -29.67 -11.13 3.36
CA THR A 65 -30.12 -9.99 2.58
C THR A 65 -31.34 -10.42 1.76
N PRO A 66 -32.03 -9.46 1.12
CA PRO A 66 -33.20 -9.84 0.32
C PRO A 66 -32.83 -10.80 -0.80
N GLU A 67 -31.62 -10.65 -1.34
CA GLU A 67 -31.13 -11.51 -2.41
C GLU A 67 -30.73 -12.87 -1.86
N GLY A 68 -30.82 -13.02 -0.54
CA GLY A 68 -30.48 -14.29 0.07
C GLY A 68 -29.02 -14.49 0.42
N HIS A 69 -28.28 -13.40 0.63
CA HIS A 69 -26.86 -13.55 0.93
C HIS A 69 -26.56 -13.39 2.41
N SER A 70 -25.48 -14.01 2.85
CA SER A 70 -25.05 -13.99 4.25
C SER A 70 -23.88 -13.04 4.59
N ILE A 71 -23.11 -12.60 3.61
CA ILE A 71 -21.99 -11.69 3.90
C ILE A 71 -22.45 -10.26 3.69
N VAL A 72 -22.37 -9.47 4.77
CA VAL A 72 -22.87 -8.10 4.76
C VAL A 72 -21.87 -6.99 5.00
N GLY A 73 -20.60 -7.35 5.13
CA GLY A 73 -19.61 -6.33 5.31
C GLY A 73 -18.21 -6.92 5.16
N PHE A 74 -17.23 -6.06 4.92
CA PHE A 74 -15.85 -6.57 4.81
C PHE A 74 -14.82 -5.48 5.01
N ALA A 75 -13.57 -5.89 5.22
CA ALA A 75 -12.46 -4.95 5.29
C ALA A 75 -11.39 -5.64 4.47
N MSE A 76 -10.83 -4.95 3.48
CA MSE A 76 -9.76 -5.53 2.65
C MSE A 76 -8.49 -4.80 3.06
O MSE A 76 -8.50 -3.58 3.17
CB MSE A 76 -10.04 -5.25 1.16
CG MSE A 76 -8.92 -5.68 0.29
SE MSE A 76 -9.40 -5.27 -1.57
CE MSE A 76 -10.30 -6.91 -1.98
N TYR A 77 -7.42 -5.56 3.29
CA TYR A 77 -6.20 -4.91 3.77
C TYR A 77 -5.01 -5.75 3.33
N TYR A 78 -3.82 -5.22 3.53
CA TYR A 78 -2.61 -5.93 3.19
C TYR A 78 -1.51 -5.23 3.95
N PHE A 79 -0.36 -5.85 3.98
CA PHE A 79 0.76 -5.27 4.73
C PHE A 79 1.71 -4.54 3.82
N THR A 80 2.18 -3.40 4.28
CA THR A 80 3.12 -2.59 3.51
C THR A 80 4.34 -2.27 4.37
N TYR A 81 5.20 -1.38 3.88
CA TYR A 81 6.44 -1.14 4.58
C TYR A 81 6.97 0.25 4.32
N ASP A 82 7.55 0.89 5.33
CA ASP A 82 8.12 2.22 5.14
C ASP A 82 9.53 2.04 5.69
N PRO A 83 10.54 2.54 4.98
CA PRO A 83 11.96 2.44 5.36
C PRO A 83 12.31 3.11 6.67
N TRP A 84 11.44 3.98 7.16
CA TRP A 84 11.72 4.67 8.41
C TRP A 84 11.40 3.74 9.61
N ILE A 85 10.24 3.10 9.57
CA ILE A 85 9.79 2.23 10.68
C ILE A 85 9.44 0.78 10.34
N GLY A 86 9.51 0.40 9.07
CA GLY A 86 9.19 -0.97 8.70
C GLY A 86 7.71 -1.18 8.42
N LYS A 87 7.23 -2.33 8.91
CA LYS A 87 5.83 -2.82 8.76
C LYS A 87 4.61 -1.95 9.11
N LEU A 88 3.65 -1.92 8.21
CA LEU A 88 2.43 -1.15 8.42
C LEU A 88 1.28 -2.04 7.96
N LEU A 89 0.09 -1.81 8.50
CA LEU A 89 -1.12 -2.49 8.04
C LEU A 89 -1.79 -1.43 7.16
N TYR A 90 -2.15 -1.82 5.95
CA TYR A 90 -2.76 -0.85 5.04
C TYR A 90 -4.19 -1.28 4.81
N LEU A 91 -5.12 -0.42 5.19
CA LEU A 91 -6.56 -0.69 5.05
C LEU A 91 -7.00 -0.12 3.70
N GLU A 92 -7.31 -1.03 2.75
CA GLU A 92 -7.71 -0.64 1.40
C GLU A 92 -9.16 -0.21 1.29
N ASP A 93 -10.05 -0.99 1.90
CA ASP A 93 -11.49 -0.59 1.90
C ASP A 93 -12.17 -1.20 3.11
N PHE A 94 -13.24 -0.56 3.56
CA PHE A 94 -13.95 -1.01 4.76
C PHE A 94 -15.39 -0.61 4.47
N PHE A 95 -16.29 -1.59 4.43
CA PHE A 95 -17.69 -1.33 4.08
C PHE A 95 -18.68 -2.26 4.78
N VAL A 96 -19.76 -1.69 5.30
CA VAL A 96 -20.78 -2.50 5.91
C VAL A 96 -22.07 -2.06 5.20
N MSE A 97 -22.84 -3.01 4.71
CA MSE A 97 -24.09 -2.70 4.00
C MSE A 97 -24.95 -1.80 4.89
O MSE A 97 -25.02 -2.01 6.09
CB MSE A 97 -24.80 -3.98 3.62
CG MSE A 97 -24.11 -4.72 2.47
SE MSE A 97 -25.03 -6.37 2.09
CE MSE A 97 -26.68 -5.65 1.43
N SER A 98 -25.63 -0.82 4.28
CA SER A 98 -26.41 0.12 5.07
C SER A 98 -27.40 -0.47 6.08
N ASP A 99 -28.14 -1.49 5.66
CA ASP A 99 -29.13 -2.12 6.52
C ASP A 99 -28.53 -2.96 7.65
N TYR A 100 -27.19 -3.07 7.68
CA TYR A 100 -26.53 -3.88 8.72
C TYR A 100 -25.62 -3.06 9.59
N ARG A 101 -25.74 -1.73 9.52
CA ARG A 101 -24.95 -0.83 10.34
C ARG A 101 -25.68 -0.60 11.66
N GLY A 102 -24.97 -0.15 12.69
CA GLY A 102 -25.62 0.12 13.97
C GLY A 102 -25.75 -1.04 14.93
N PHE A 103 -25.24 -2.22 14.53
CA PHE A 103 -25.29 -3.45 15.31
C PHE A 103 -23.88 -3.83 15.91
N GLY A 104 -22.87 -3.03 15.65
CA GLY A 104 -21.51 -3.32 16.13
C GLY A 104 -20.57 -3.99 15.13
N ILE A 105 -21.02 -4.21 13.90
CA ILE A 105 -20.15 -4.89 12.93
C ILE A 105 -18.89 -4.09 12.61
N GLY A 106 -19.05 -2.80 12.32
CA GLY A 106 -17.89 -1.98 11.98
C GLY A 106 -16.90 -1.90 13.13
N SER A 107 -17.42 -1.73 14.34
CA SER A 107 -16.52 -1.66 15.50
C SER A 107 -15.76 -2.95 15.71
N GLU A 108 -16.41 -4.10 15.51
CA GLU A 108 -15.70 -5.36 15.72
C GLU A 108 -14.68 -5.56 14.63
N ILE A 109 -14.99 -5.13 13.40
CA ILE A 109 -14.01 -5.25 12.35
C ILE A 109 -12.77 -4.41 12.68
N LEU A 110 -12.96 -3.15 13.05
CA LEU A 110 -11.81 -2.29 13.40
C LEU A 110 -11.04 -2.86 14.60
N LYS A 111 -11.73 -3.47 15.55
CA LYS A 111 -11.05 -4.06 16.72
C LYS A 111 -10.14 -5.21 16.23
N ASN A 112 -10.71 -6.09 15.40
CA ASN A 112 -9.95 -7.22 14.92
C ASN A 112 -8.79 -6.76 14.04
N LEU A 113 -9.00 -5.72 13.21
CA LEU A 113 -7.90 -5.21 12.37
C LEU A 113 -6.77 -4.70 13.25
N SER A 114 -7.13 -4.05 14.36
CA SER A 114 -6.14 -3.51 15.29
C SER A 114 -5.38 -4.65 15.97
N GLN A 115 -6.09 -5.74 16.32
CA GLN A 115 -5.44 -6.88 16.96
C GLN A 115 -4.49 -7.54 15.98
N VAL A 116 -4.91 -7.63 14.71
CA VAL A 116 -4.03 -8.17 13.67
C VAL A 116 -2.79 -7.28 13.55
N ALA A 117 -2.98 -5.96 13.61
CA ALA A 117 -1.84 -5.06 13.57
C ALA A 117 -0.92 -5.34 14.74
N MSE A 118 -1.48 -5.61 15.93
CA MSE A 118 -0.63 -5.90 17.07
C MSE A 118 0.14 -7.19 16.89
O MSE A 118 1.32 -7.26 17.26
CB MSE A 118 -1.42 -5.93 18.34
CG MSE A 118 -2.12 -4.61 18.64
SE MSE A 118 -0.84 -3.07 18.79
CE MSE A 118 0.08 -3.54 20.42
N ARG A 119 -0.52 -8.21 16.36
CA ARG A 119 0.17 -9.47 16.05
C ARG A 119 1.32 -9.25 15.08
N CYS A 120 1.08 -8.44 14.05
CA CYS A 120 2.08 -8.08 13.02
C CYS A 120 3.24 -7.23 13.51
N ARG A 121 3.06 -6.57 14.64
CA ARG A 121 4.00 -5.63 15.23
C ARG A 121 4.03 -4.45 14.24
N CYS A 122 2.87 -4.13 13.68
CA CYS A 122 2.77 -3.02 12.73
C CYS A 122 2.82 -1.70 13.51
N SER A 123 3.53 -0.71 12.99
CA SER A 123 3.64 0.56 13.72
C SER A 123 2.48 1.50 13.53
N SER A 124 1.70 1.29 12.48
CA SER A 124 0.60 2.21 12.22
C SER A 124 -0.27 1.50 11.19
N MSE A 125 -1.48 2.02 11.01
CA MSE A 125 -2.42 1.54 10.01
C MSE A 125 -2.63 2.77 9.10
O MSE A 125 -2.97 3.87 9.58
CB MSE A 125 -3.77 1.12 10.62
CG MSE A 125 -4.77 0.69 9.53
SE MSE A 125 -6.34 -0.17 10.32
CE MSE A 125 -7.16 1.37 10.87
N HIS A 126 -2.40 2.60 7.80
CA HIS A 126 -2.55 3.70 6.85
C HIS A 126 -3.76 3.40 5.97
N PHE A 127 -4.35 4.45 5.42
CA PHE A 127 -5.50 4.32 4.53
C PHE A 127 -5.76 5.69 3.91
N LEU A 128 -6.54 5.70 2.82
CA LEU A 128 -6.91 6.96 2.13
C LEU A 128 -8.31 7.45 2.48
N VAL A 129 -8.46 8.76 2.57
CA VAL A 129 -9.78 9.36 2.80
C VAL A 129 -9.88 10.52 1.78
N ALA A 130 -11.06 10.72 1.17
CA ALA A 130 -11.23 11.79 0.17
C ALA A 130 -11.23 13.11 0.93
N GLU A 131 -10.56 14.13 0.38
CA GLU A 131 -10.38 15.39 1.12
C GLU A 131 -11.67 16.09 1.48
N TRP A 132 -12.71 15.86 0.67
CA TRP A 132 -14.00 16.49 0.90
C TRP A 132 -14.93 15.74 1.86
N ASN A 133 -14.61 14.49 2.16
CA ASN A 133 -15.44 13.62 2.98
C ASN A 133 -15.27 13.90 4.46
N GLU A 134 -15.75 15.06 4.90
CA GLU A 134 -15.60 15.44 6.28
C GLU A 134 -16.16 14.42 7.28
N PRO A 135 -17.33 13.83 7.01
CA PRO A 135 -17.84 12.85 7.98
C PRO A 135 -16.83 11.70 8.26
N SER A 136 -16.25 11.20 7.17
CA SER A 136 -15.26 10.09 7.27
C SER A 136 -14.01 10.57 7.96
N ILE A 137 -13.54 11.75 7.60
CA ILE A 137 -12.34 12.32 8.23
C ILE A 137 -12.56 12.40 9.73
N ASN A 138 -13.72 12.88 10.14
CA ASN A 138 -13.92 13.00 11.55
C ASN A 138 -14.09 11.67 12.27
N PHE A 139 -14.67 10.69 11.57
CA PHE A 139 -14.83 9.35 12.15
C PHE A 139 -13.43 8.82 12.49
N TYR A 140 -12.51 8.95 11.53
CA TYR A 140 -11.16 8.44 11.82
C TYR A 140 -10.37 9.30 12.80
N LYS A 141 -10.55 10.61 12.74
CA LYS A 141 -9.89 11.49 13.71
C LYS A 141 -10.32 11.14 15.14
N ARG A 142 -11.57 10.72 15.30
CA ARG A 142 -12.06 10.38 16.65
C ARG A 142 -11.34 9.14 17.19
N ARG A 143 -10.76 8.38 16.25
CA ARG A 143 -9.99 7.18 16.60
C ARG A 143 -8.49 7.41 16.63
N GLY A 144 -8.07 8.67 16.53
CA GLY A 144 -6.65 9.00 16.63
C GLY A 144 -5.94 9.25 15.32
N ALA A 145 -6.67 9.26 14.22
CA ALA A 145 -6.04 9.45 12.92
C ALA A 145 -5.50 10.85 12.67
N SER A 146 -4.51 10.93 11.80
CA SER A 146 -3.99 12.26 11.40
C SER A 146 -3.86 12.17 9.88
N ASP A 147 -3.95 13.34 9.23
CA ASP A 147 -3.85 13.42 7.78
C ASP A 147 -2.38 13.63 7.47
N LEU A 148 -1.71 12.54 7.15
CA LEU A 148 -0.27 12.56 6.88
C LEU A 148 0.04 13.36 5.61
N SER A 149 -0.81 13.24 4.60
CA SER A 149 -0.62 13.99 3.36
C SER A 149 -0.52 15.47 3.61
N SER A 150 -1.45 15.99 4.41
CA SER A 150 -1.44 17.43 4.69
C SER A 150 -0.43 17.86 5.74
N GLU A 151 -0.24 17.07 6.78
CA GLU A 151 0.69 17.49 7.82
C GLU A 151 2.15 17.51 7.36
N GLU A 152 2.53 16.49 6.58
CA GLU A 152 3.89 16.33 6.11
C GLU A 152 4.12 16.68 4.65
N GLY A 153 3.06 16.97 3.92
CA GLY A 153 3.22 17.36 2.53
C GLY A 153 3.57 16.23 1.58
N TRP A 154 2.68 15.24 1.50
CA TRP A 154 2.86 14.07 0.63
C TRP A 154 1.68 14.01 -0.34
N ARG A 155 1.95 13.84 -1.64
CA ARG A 155 0.90 13.69 -2.64
C ARG A 155 0.98 12.30 -3.26
N LEU A 156 -0.18 11.69 -3.50
CA LEU A 156 -0.22 10.36 -4.09
C LEU A 156 -0.24 10.47 -5.62
N PHE A 157 0.59 9.67 -6.29
CA PHE A 157 0.65 9.71 -7.77
C PHE A 157 0.49 8.29 -8.30
N LYS A 158 0.20 8.18 -9.58
CA LYS A 158 0.10 6.88 -10.23
C LYS A 158 0.68 6.97 -11.64
N ILE A 159 1.16 5.84 -12.14
CA ILE A 159 1.55 5.78 -13.56
C ILE A 159 0.74 4.59 -14.09
N ASP A 160 -0.15 4.84 -15.05
CA ASP A 160 -0.97 3.76 -15.56
C ASP A 160 -0.33 2.80 -16.56
N LYS A 161 -1.01 1.66 -16.76
CA LYS A 161 -0.56 0.59 -17.66
C LYS A 161 0.04 0.99 -19.00
N GLU A 162 -0.61 1.87 -19.76
CA GLU A 162 -0.04 2.23 -21.06
C GLU A 162 1.38 2.81 -21.00
N TYR A 163 1.67 3.50 -19.91
CA TYR A 163 2.99 4.08 -19.72
C TYR A 163 3.99 3.03 -19.27
N LEU A 164 3.56 2.18 -18.33
CA LEU A 164 4.42 1.12 -17.86
C LEU A 164 4.80 0.21 -19.04
N LEU A 165 3.84 0.01 -19.94
CA LEU A 165 4.13 -0.82 -21.13
C LEU A 165 5.22 -0.24 -22.03
N LYS A 166 5.12 1.07 -22.28
CA LYS A 166 6.12 1.78 -23.05
C LYS A 166 7.48 1.64 -22.38
N MSE A 167 7.55 1.87 -21.07
CA MSE A 167 8.85 1.74 -20.42
C MSE A 167 9.39 0.32 -20.37
O MSE A 167 10.61 0.12 -20.41
CB MSE A 167 8.77 2.31 -19.01
CG MSE A 167 8.61 3.79 -19.06
SE MSE A 167 8.74 4.56 -17.26
CE MSE A 167 6.87 4.25 -16.83
N ALA A 168 8.50 -0.66 -20.28
CA ALA A 168 8.88 -2.07 -20.21
C ALA A 168 9.36 -2.62 -21.53
N THR A 169 9.02 -1.97 -22.63
CA THR A 169 9.42 -2.45 -23.95
C THR A 169 10.53 -1.65 -24.67
N PHE B 4 26.33 0.32 -15.67
CA PHE B 4 25.71 -0.20 -14.41
C PHE B 4 24.69 -1.27 -14.74
N VAL B 5 24.22 -1.97 -13.73
CA VAL B 5 23.19 -2.96 -13.93
C VAL B 5 22.13 -2.81 -12.84
N ILE B 6 20.86 -3.03 -13.19
CA ILE B 6 19.81 -2.97 -12.18
C ILE B 6 19.47 -4.41 -11.90
N ARG B 7 19.54 -4.83 -10.64
CA ARG B 7 19.26 -6.23 -10.30
C ARG B 7 18.55 -6.35 -8.96
N PRO B 8 17.89 -7.50 -8.68
CA PRO B 8 17.21 -7.63 -7.39
C PRO B 8 18.26 -7.65 -6.28
N ALA B 9 17.92 -7.15 -5.10
CA ALA B 9 18.88 -7.17 -4.01
C ALA B 9 19.06 -8.59 -3.51
N THR B 10 20.12 -8.79 -2.76
CA THR B 10 20.41 -10.07 -2.13
C THR B 10 20.55 -9.72 -0.65
N ALA B 11 20.58 -10.74 0.20
CA ALA B 11 20.72 -10.54 1.62
C ALA B 11 21.96 -9.70 1.90
N ALA B 12 23.02 -9.93 1.14
CA ALA B 12 24.27 -9.20 1.33
C ALA B 12 24.15 -7.70 1.16
N ASP B 13 23.23 -7.28 0.30
CA ASP B 13 23.03 -5.85 0.02
C ASP B 13 22.36 -5.09 1.17
N CYS B 14 21.89 -5.77 2.20
CA CYS B 14 21.21 -5.06 3.29
C CYS B 14 21.97 -3.86 3.86
N SER B 15 23.30 -3.94 3.88
CA SER B 15 24.12 -2.84 4.39
C SER B 15 24.03 -1.60 3.49
N ASP B 16 24.19 -1.80 2.19
CA ASP B 16 24.11 -0.71 1.21
C ASP B 16 22.72 -0.09 1.14
N ILE B 17 21.69 -0.93 1.17
CA ILE B 17 20.29 -0.47 1.14
C ILE B 17 20.04 0.48 2.34
N LEU B 18 20.51 0.12 3.53
CA LEU B 18 20.28 0.98 4.68
C LEU B 18 20.99 2.31 4.52
N ARG B 19 22.20 2.27 4.00
CA ARG B 19 22.97 3.50 3.79
C ARG B 19 22.25 4.47 2.86
N LEU B 20 21.68 3.93 1.78
CA LEU B 20 20.96 4.73 0.81
C LEU B 20 19.64 5.22 1.41
N ILE B 21 18.97 4.37 2.17
CA ILE B 21 17.70 4.78 2.83
C ILE B 21 17.99 6.04 3.68
N LYS B 22 19.09 6.02 4.42
CA LYS B 22 19.45 7.16 5.24
C LYS B 22 19.79 8.43 4.42
N GLU B 23 20.39 8.29 3.23
CA GLU B 23 20.66 9.44 2.39
C GLU B 23 19.32 10.05 1.88
N LEU B 24 18.45 9.18 1.43
CA LEU B 24 17.13 9.62 0.98
C LEU B 24 16.38 10.27 2.13
N ALA B 25 16.48 9.69 3.31
CA ALA B 25 15.78 10.25 4.47
C ALA B 25 16.22 11.67 4.73
OH ALY B 26 22.92 9.98 4.15
CH ALY B 26 22.11 11.01 4.16
CH3 ALY B 26 21.25 11.36 2.97
NZ ALY B 26 21.99 11.85 5.30
CE ALY B 26 22.29 13.32 5.48
CD ALY B 26 21.71 14.28 4.43
CG ALY B 26 20.21 14.52 4.63
CB ALY B 26 19.53 13.20 4.70
CA ALY B 26 18.01 13.25 4.83
N ALY B 26 17.52 11.90 4.64
C ALY B 26 17.39 14.19 3.77
O ALY B 26 17.04 15.32 4.06
N TYR B 27 17.22 13.70 2.54
CA TYR B 27 16.66 14.51 1.47
C TYR B 27 15.19 14.81 1.76
N GLU B 28 14.54 13.88 2.47
CA GLU B 28 13.11 14.06 2.81
C GLU B 28 12.88 14.69 4.18
N TYR B 29 13.97 15.15 4.81
CA TYR B 29 13.89 15.77 6.14
C TYR B 29 13.36 14.75 7.17
N MSE B 30 13.75 13.48 7.04
CA MSE B 30 13.30 12.39 7.94
C MSE B 30 14.40 11.41 8.42
O MSE B 30 14.09 10.27 8.84
CB MSE B 30 12.29 11.52 7.23
CG MSE B 30 11.30 12.27 6.41
SE MSE B 30 9.63 12.48 7.31
CE MSE B 30 10.01 12.27 9.18
N GLU B 31 15.66 11.82 8.39
CA GLU B 31 16.72 10.87 8.76
C GLU B 31 16.63 10.36 10.19
N GLU B 32 16.12 11.18 11.10
CA GLU B 32 16.00 10.79 12.50
C GLU B 32 14.93 9.73 12.74
N GLN B 33 14.09 9.51 11.73
CA GLN B 33 12.99 8.55 11.81
C GLN B 33 13.34 7.15 11.32
N VAL B 34 14.55 6.99 10.78
CA VAL B 34 14.95 5.68 10.29
C VAL B 34 15.34 4.87 11.52
N ILE B 35 14.42 4.06 11.99
CA ILE B 35 14.65 3.23 13.15
C ILE B 35 14.96 1.79 12.74
N LEU B 36 14.78 1.49 11.45
CA LEU B 36 15.07 0.15 10.88
C LEU B 36 16.58 -0.13 10.83
N THR B 37 16.90 -1.41 10.92
CA THR B 37 18.28 -1.90 10.93
C THR B 37 18.53 -2.91 9.80
N GLU B 38 19.80 -3.21 9.53
CA GLU B 38 20.18 -4.18 8.50
C GLU B 38 19.58 -5.52 8.88
N LYS B 39 19.30 -5.67 10.18
CA LYS B 39 18.70 -6.87 10.78
C LYS B 39 17.23 -6.97 10.36
N ASP B 40 16.53 -5.84 10.44
CA ASP B 40 15.12 -5.79 10.05
C ASP B 40 15.04 -6.02 8.54
N LEU B 41 15.90 -5.33 7.81
CA LEU B 41 15.89 -5.46 6.37
C LEU B 41 16.04 -6.92 6.02
N LEU B 42 16.88 -7.62 6.78
CA LEU B 42 17.12 -9.04 6.53
C LEU B 42 15.93 -9.92 6.86
N GLU B 43 15.29 -9.66 8.00
CA GLU B 43 14.16 -10.49 8.39
C GLU B 43 12.88 -10.18 7.62
N ASP B 44 12.65 -8.91 7.30
CA ASP B 44 11.44 -8.51 6.57
C ASP B 44 11.55 -8.65 5.06
N GLY B 45 12.76 -8.76 4.53
CA GLY B 45 12.93 -8.89 3.10
C GLY B 45 13.39 -10.24 2.57
N PHE B 46 13.92 -11.09 3.44
CA PHE B 46 14.41 -12.40 3.01
C PHE B 46 13.99 -13.50 3.97
N PHE B 51 8.20 -8.58 3.11
CA PHE B 51 7.24 -7.50 3.17
C PHE B 51 7.56 -6.43 2.12
N TYR B 52 8.71 -6.60 1.47
CA TYR B 52 9.15 -5.66 0.44
C TYR B 52 10.17 -6.31 -0.47
N HIS B 53 10.43 -5.64 -1.59
CA HIS B 53 11.42 -6.08 -2.55
C HIS B 53 12.27 -4.89 -2.90
N CYS B 54 13.57 -5.11 -3.14
CA CYS B 54 14.44 -4.02 -3.49
C CYS B 54 15.21 -4.30 -4.76
N LEU B 55 15.41 -3.23 -5.54
CA LEU B 55 16.20 -3.28 -6.75
C LEU B 55 17.40 -2.44 -6.39
N VAL B 56 18.58 -2.81 -6.88
CA VAL B 56 19.77 -1.99 -6.61
C VAL B 56 20.47 -1.70 -7.91
N ALA B 57 21.13 -0.55 -7.98
CA ALA B 57 21.89 -0.21 -9.18
C ALA B 57 23.35 -0.48 -8.81
N GLU B 58 23.97 -1.44 -9.48
CA GLU B 58 25.36 -1.80 -9.20
C GLU B 58 26.29 -1.36 -10.30
N VAL B 59 27.42 -0.77 -9.92
CA VAL B 59 28.39 -0.32 -10.92
C VAL B 59 29.61 -1.22 -10.90
N PRO B 60 30.37 -1.22 -12.00
CA PRO B 60 31.59 -2.03 -12.12
C PRO B 60 32.62 -1.60 -11.07
N TRP B 64 33.38 1.72 -8.85
CA TRP B 64 33.01 1.83 -7.42
C TRP B 64 33.16 3.24 -6.87
N THR B 65 32.37 3.58 -5.82
CA THR B 65 32.46 4.93 -5.23
C THR B 65 33.88 5.06 -4.64
N PRO B 66 34.32 6.29 -4.34
CA PRO B 66 35.68 6.49 -3.79
C PRO B 66 36.06 5.66 -2.54
N GLU B 67 35.08 5.37 -1.68
CA GLU B 67 35.36 4.56 -0.49
C GLU B 67 35.03 3.07 -0.72
N GLY B 68 34.71 2.71 -1.96
CA GLY B 68 34.50 1.29 -2.27
C GLY B 68 33.13 0.64 -2.33
N HIS B 69 32.07 1.45 -2.44
CA HIS B 69 30.73 0.90 -2.55
C HIS B 69 30.41 0.59 -4.00
N SER B 70 29.74 -0.54 -4.28
CA SER B 70 29.37 -0.85 -5.65
C SER B 70 27.89 -0.53 -5.89
N ILE B 71 27.15 -0.31 -4.82
CA ILE B 71 25.72 -0.01 -4.94
C ILE B 71 25.51 1.50 -4.86
N VAL B 72 24.98 2.08 -5.92
CA VAL B 72 24.77 3.53 -5.99
C VAL B 72 23.32 4.00 -6.13
N GLY B 73 22.39 3.06 -6.12
CA GLY B 73 21.00 3.45 -6.23
C GLY B 73 20.14 2.32 -5.80
N PHE B 74 18.87 2.59 -5.49
CA PHE B 74 17.99 1.51 -5.13
C PHE B 74 16.55 1.93 -5.30
N ALA B 75 15.68 0.93 -5.31
CA ALA B 75 14.26 1.18 -5.35
C ALA B 75 13.70 0.12 -4.42
N MSE B 76 12.68 0.49 -3.65
CA MSE B 76 12.05 -0.44 -2.75
C MSE B 76 10.58 -0.44 -3.17
O MSE B 76 9.97 0.62 -3.31
CB MSE B 76 12.16 0.01 -1.29
CG MSE B 76 11.35 -0.83 -0.36
SE MSE B 76 11.43 -0.18 1.47
CE MSE B 76 13.24 -0.72 1.81
N TYR B 77 10.01 -1.62 -3.39
CA TYR B 77 8.61 -1.74 -3.79
C TYR B 77 7.93 -2.95 -3.17
N TYR B 78 6.61 -3.00 -3.33
CA TYR B 78 5.83 -4.14 -2.88
C TYR B 78 4.54 -4.08 -3.66
N PHE B 79 3.73 -5.12 -3.50
CA PHE B 79 2.50 -5.15 -4.21
C PHE B 79 1.33 -4.78 -3.35
N THR B 80 0.36 -4.11 -3.98
CA THR B 80 -0.85 -3.71 -3.26
C THR B 80 -2.06 -4.14 -4.10
N TYR B 81 -3.25 -3.80 -3.61
CA TYR B 81 -4.49 -4.21 -4.27
C TYR B 81 -5.55 -3.13 -4.27
N ASP B 82 -6.25 -2.99 -5.40
CA ASP B 82 -7.33 -2.02 -5.57
C ASP B 82 -8.59 -2.88 -5.91
N PRO B 83 -9.69 -2.73 -5.16
CA PRO B 83 -10.92 -3.50 -5.40
C PRO B 83 -11.62 -3.33 -6.75
N TRP B 84 -11.33 -2.24 -7.46
CA TRP B 84 -11.92 -1.98 -8.76
C TRP B 84 -11.14 -2.65 -9.88
N ILE B 85 -9.81 -2.63 -9.76
CA ILE B 85 -8.97 -3.18 -10.82
C ILE B 85 -7.88 -4.18 -10.51
N GLY B 86 -7.73 -4.60 -9.25
CA GLY B 86 -6.73 -5.60 -8.98
C GLY B 86 -5.36 -5.25 -8.46
N LYS B 87 -4.40 -6.11 -8.81
CA LYS B 87 -3.01 -5.98 -8.39
C LYS B 87 -2.37 -4.68 -8.84
N LEU B 88 -1.70 -3.99 -7.92
CA LEU B 88 -1.00 -2.77 -8.26
C LEU B 88 0.41 -2.92 -7.76
N LEU B 89 1.36 -2.19 -8.34
CA LEU B 89 2.74 -2.21 -7.88
C LEU B 89 2.91 -0.89 -7.12
N TYR B 90 3.46 -0.94 -5.92
CA TYR B 90 3.69 0.30 -5.17
C TYR B 90 5.18 0.55 -4.99
N LEU B 91 5.65 1.74 -5.43
CA LEU B 91 7.04 2.13 -5.31
C LEU B 91 7.14 2.94 -4.01
N GLU B 92 7.81 2.34 -3.02
CA GLU B 92 7.97 2.93 -1.70
C GLU B 92 9.08 3.96 -1.61
N ASP B 93 10.24 3.64 -2.18
CA ASP B 93 11.37 4.60 -2.17
C ASP B 93 12.23 4.39 -3.39
N PHE B 94 12.88 5.47 -3.82
CA PHE B 94 13.67 5.45 -5.03
C PHE B 94 14.76 6.49 -4.79
N PHE B 95 16.02 6.12 -4.96
CA PHE B 95 17.11 7.07 -4.72
C PHE B 95 18.36 6.68 -5.49
N VAL B 96 18.99 7.67 -6.11
CA VAL B 96 20.26 7.46 -6.83
C VAL B 96 21.28 8.44 -6.22
N MSE B 97 22.46 7.94 -5.86
CA MSE B 97 23.50 8.81 -5.28
C MSE B 97 23.83 9.98 -6.20
O MSE B 97 23.92 9.81 -7.42
CB MSE B 97 24.78 8.01 -5.04
CG MSE B 97 24.71 7.12 -3.81
SE MSE B 97 26.31 6.01 -3.59
CE MSE B 97 27.45 7.33 -2.70
N SER B 98 24.03 11.15 -5.61
CA SER B 98 24.33 12.36 -6.36
C SER B 98 25.34 12.26 -7.49
N ASP B 99 26.51 11.75 -7.20
CA ASP B 99 27.54 11.65 -8.22
C ASP B 99 27.23 10.66 -9.31
N TYR B 100 26.11 9.96 -9.19
CA TYR B 100 25.72 8.96 -10.17
C TYR B 100 24.45 9.29 -10.91
N ARG B 101 23.98 10.51 -10.73
CA ARG B 101 22.80 10.93 -11.44
C ARG B 101 23.33 11.45 -12.75
N GLY B 102 22.47 11.54 -13.74
CA GLY B 102 22.93 11.93 -15.05
C GLY B 102 22.56 10.65 -15.74
N PHE B 103 21.40 10.82 -16.34
CA PHE B 103 20.69 9.84 -17.10
C PHE B 103 21.11 8.41 -17.14
N GLY B 104 20.08 7.59 -17.13
CA GLY B 104 20.30 6.16 -17.18
C GLY B 104 19.85 5.43 -15.97
N ILE B 105 20.43 5.70 -14.79
CA ILE B 105 20.03 4.87 -13.64
C ILE B 105 18.58 5.00 -13.22
N GLY B 106 18.17 6.22 -12.89
CA GLY B 106 16.79 6.45 -12.49
C GLY B 106 15.85 5.92 -13.55
N SER B 107 16.13 6.28 -14.80
CA SER B 107 15.33 5.83 -15.93
C SER B 107 15.31 4.29 -16.03
N GLU B 108 16.48 3.64 -15.92
CA GLU B 108 16.51 2.20 -15.98
C GLU B 108 15.80 1.56 -14.79
N ILE B 109 15.86 2.19 -13.62
CA ILE B 109 15.16 1.62 -12.47
C ILE B 109 13.68 1.62 -12.81
N LEU B 110 13.16 2.72 -13.37
CA LEU B 110 11.74 2.77 -13.73
C LEU B 110 11.36 1.73 -14.78
N LYS B 111 12.25 1.48 -15.75
CA LYS B 111 11.99 0.48 -16.77
C LYS B 111 11.93 -0.90 -16.15
N ASN B 112 12.82 -1.20 -15.18
CA ASN B 112 12.81 -2.49 -14.49
C ASN B 112 11.52 -2.59 -13.68
N LEU B 113 11.17 -1.53 -12.96
CA LEU B 113 9.91 -1.60 -12.23
C LEU B 113 8.74 -1.81 -13.18
N SER B 114 8.78 -1.19 -14.37
CA SER B 114 7.68 -1.37 -15.32
C SER B 114 7.56 -2.84 -15.78
N GLN B 115 8.71 -3.50 -15.92
CA GLN B 115 8.76 -4.89 -16.30
C GLN B 115 8.16 -5.74 -15.19
N VAL B 116 8.45 -5.40 -13.94
CA VAL B 116 7.87 -6.12 -12.81
C VAL B 116 6.36 -5.98 -12.89
N ALA B 117 5.88 -4.76 -13.15
CA ALA B 117 4.45 -4.55 -13.22
C ALA B 117 3.83 -5.38 -14.36
N MSE B 118 4.51 -5.49 -15.49
CA MSE B 118 3.92 -6.19 -16.62
C MSE B 118 3.80 -7.67 -16.29
O MSE B 118 2.77 -8.29 -16.57
CB MSE B 118 4.73 -5.97 -17.92
CG MSE B 118 4.73 -4.52 -18.43
SE MSE B 118 2.95 -3.63 -18.57
CE MSE B 118 2.59 -3.26 -16.72
N ARG B 119 4.79 -8.20 -15.62
CA ARG B 119 4.73 -9.60 -15.24
C ARG B 119 3.61 -9.87 -14.20
N CYS B 120 3.33 -8.92 -13.29
CA CYS B 120 2.25 -9.11 -12.29
C CYS B 120 0.90 -8.79 -12.81
N ARG B 121 0.86 -8.25 -14.03
CA ARG B 121 -0.38 -7.80 -14.62
C ARG B 121 -0.95 -6.75 -13.66
N CYS B 122 -0.04 -5.91 -13.16
CA CYS B 122 -0.39 -4.78 -12.32
C CYS B 122 -0.82 -3.69 -13.29
N SER B 123 -2.00 -3.12 -13.10
CA SER B 123 -2.50 -2.12 -14.04
C SER B 123 -2.04 -0.69 -13.77
N SER B 124 -1.35 -0.51 -12.65
CA SER B 124 -0.86 0.82 -12.30
C SER B 124 0.24 0.71 -11.27
N MSE B 125 1.09 1.73 -11.19
CA MSE B 125 2.16 1.79 -10.18
C MSE B 125 1.86 3.07 -9.40
O MSE B 125 1.68 4.12 -10.00
CB MSE B 125 3.56 1.91 -10.79
CG MSE B 125 4.63 1.97 -9.71
SE MSE B 125 6.39 2.14 -10.52
CE MSE B 125 6.27 3.91 -11.03
N HIS B 126 1.72 2.96 -8.08
CA HIS B 126 1.44 4.11 -7.23
C HIS B 126 2.67 4.47 -6.38
N PHE B 127 2.74 5.73 -5.92
CA PHE B 127 3.85 6.16 -5.09
C PHE B 127 3.53 7.55 -4.54
N LEU B 128 4.29 7.98 -3.53
CA LEU B 128 4.08 9.28 -2.92
C LEU B 128 5.23 10.19 -3.30
N VAL B 129 4.94 11.47 -3.39
CA VAL B 129 5.96 12.45 -3.70
C VAL B 129 5.75 13.67 -2.79
N ALA B 130 6.85 14.22 -2.29
CA ALA B 130 6.76 15.40 -1.43
C ALA B 130 6.21 16.57 -2.24
N GLU B 131 5.42 17.43 -1.59
CA GLU B 131 4.81 18.59 -2.24
C GLU B 131 5.80 19.46 -3.04
N TRP B 132 6.97 19.68 -2.46
CA TRP B 132 7.97 20.58 -3.05
C TRP B 132 9.01 19.89 -3.91
N ASN B 133 8.85 18.59 -4.15
CA ASN B 133 9.88 17.82 -4.86
C ASN B 133 9.68 17.94 -6.38
N GLU B 134 9.96 19.12 -6.92
CA GLU B 134 9.76 19.36 -8.34
C GLU B 134 10.59 18.42 -9.21
N PRO B 135 11.84 18.10 -8.79
CA PRO B 135 12.67 17.20 -9.60
C PRO B 135 11.98 15.86 -9.81
N SER B 136 11.43 15.31 -8.73
CA SER B 136 10.74 14.02 -8.85
C SER B 136 9.39 14.17 -9.55
N ILE B 137 8.67 15.24 -9.23
CA ILE B 137 7.37 15.47 -9.83
C ILE B 137 7.50 15.51 -11.34
N ASN B 138 8.50 16.23 -11.82
CA ASN B 138 8.74 16.32 -13.24
C ASN B 138 9.24 15.02 -13.82
N PHE B 139 10.13 14.32 -13.11
CA PHE B 139 10.66 13.04 -13.60
C PHE B 139 9.47 12.09 -13.82
N TYR B 140 8.57 12.02 -12.85
CA TYR B 140 7.42 11.13 -13.00
C TYR B 140 6.41 11.62 -14.01
N LYS B 141 6.12 12.91 -14.01
CA LYS B 141 5.17 13.42 -14.97
C LYS B 141 5.66 13.25 -16.43
N ARG B 142 6.97 13.32 -16.66
CA ARG B 142 7.52 13.14 -18.01
C ARG B 142 7.28 11.74 -18.51
N ARG B 143 6.99 10.83 -17.57
CA ARG B 143 6.74 9.42 -17.86
C ARG B 143 5.25 9.06 -17.87
N GLY B 144 4.40 10.07 -17.73
CA GLY B 144 2.96 9.82 -17.78
C GLY B 144 2.26 9.83 -16.45
N ALA B 145 2.98 10.10 -15.37
CA ALA B 145 2.31 10.08 -14.05
C ALA B 145 1.20 11.13 -13.89
N SER B 146 0.21 10.79 -13.08
CA SER B 146 -0.89 11.72 -12.75
C SER B 146 -0.97 11.83 -11.23
N ASP B 147 -1.37 13.01 -10.77
CA ASP B 147 -1.44 13.32 -9.32
C ASP B 147 -2.83 12.91 -8.86
N LEU B 148 -2.91 11.81 -8.10
CA LEU B 148 -4.18 11.29 -7.60
C LEU B 148 -4.70 12.13 -6.45
N SER B 149 -3.82 12.79 -5.73
CA SER B 149 -4.30 13.62 -4.64
C SER B 149 -5.10 14.77 -5.26
N SER B 150 -4.70 15.21 -6.44
CA SER B 150 -5.42 16.28 -7.14
C SER B 150 -6.65 15.69 -7.83
N GLU B 151 -6.41 14.69 -8.67
CA GLU B 151 -7.50 14.12 -9.44
C GLU B 151 -8.63 13.47 -8.70
N GLU B 152 -8.30 12.68 -7.68
CA GLU B 152 -9.33 11.99 -6.93
C GLU B 152 -9.51 12.48 -5.50
N GLY B 153 -8.75 13.51 -5.13
CA GLY B 153 -8.82 14.12 -3.80
C GLY B 153 -8.29 13.28 -2.63
N TRP B 154 -7.56 12.21 -2.90
CA TRP B 154 -7.10 11.37 -1.78
C TRP B 154 -6.11 12.01 -0.82
N ARG B 155 -6.28 11.67 0.46
CA ARG B 155 -5.33 12.14 1.49
C ARG B 155 -4.94 10.88 2.24
N LEU B 156 -3.64 10.73 2.49
CA LEU B 156 -3.16 9.57 3.25
C LEU B 156 -3.33 9.85 4.74
N PHE B 157 -4.05 8.96 5.44
CA PHE B 157 -4.27 9.08 6.88
C PHE B 157 -3.54 7.94 7.57
N LYS B 158 -3.25 8.15 8.84
CA LYS B 158 -2.60 7.11 9.61
C LYS B 158 -3.14 7.08 11.04
N ILE B 159 -3.19 5.86 11.60
CA ILE B 159 -3.57 5.71 13.01
C ILE B 159 -2.38 4.92 13.59
N ASP B 160 -1.63 5.56 14.46
CA ASP B 160 -0.44 4.91 15.01
C ASP B 160 -0.77 3.84 16.07
N LYS B 161 0.24 3.06 16.37
CA LYS B 161 0.11 1.96 17.31
C LYS B 161 -0.59 2.27 18.65
N GLU B 162 -0.30 3.41 19.28
CA GLU B 162 -0.97 3.69 20.56
C GLU B 162 -2.49 3.72 20.43
N TYR B 163 -2.98 4.21 19.28
CA TYR B 163 -4.40 4.28 19.02
C TYR B 163 -4.96 2.92 18.55
N LEU B 164 -4.16 2.11 17.87
CA LEU B 164 -4.60 0.78 17.43
C LEU B 164 -4.77 -0.02 18.73
N LEU B 165 -3.83 0.15 19.67
CA LEU B 165 -3.90 -0.56 20.98
C LEU B 165 -5.23 -0.21 21.65
N LYS B 166 -5.62 1.07 21.64
CA LYS B 166 -6.91 1.45 22.26
C LYS B 166 -8.08 0.71 21.62
N MSE B 167 -8.12 0.64 20.29
CA MSE B 167 -9.21 -0.07 19.66
C MSE B 167 -9.16 -1.59 19.90
O MSE B 167 -10.20 -2.21 20.07
CB MSE B 167 -9.28 0.19 18.15
CG MSE B 167 -9.96 1.53 17.84
SE MSE B 167 -10.08 1.83 15.91
CE MSE B 167 -8.20 2.28 15.84
N ALA B 168 -7.97 -2.15 19.93
CA ALA B 168 -7.83 -3.60 20.14
C ALA B 168 -8.33 -4.01 21.51
N THR B 169 -8.02 -3.19 22.50
CA THR B 169 -8.37 -3.51 23.86
C THR B 169 -9.67 -2.91 24.33
N GLU B 170 -10.31 -2.11 23.47
CA GLU B 170 -11.58 -1.50 23.80
C GLU B 170 -11.46 -0.47 24.89
S SO4 C . -21.17 -0.21 13.93
O1 SO4 C . -21.30 -0.80 12.58
O2 SO4 C . -20.92 1.22 13.81
O3 SO4 C . -22.41 -0.43 14.68
O4 SO4 C . -20.06 -0.81 14.66
S SO4 D . -18.42 7.31 16.12
O1 SO4 D . -17.08 7.80 16.29
O2 SO4 D . -19.03 7.84 14.89
O3 SO4 D . -18.43 5.86 16.05
O4 SO4 D . -19.20 7.76 17.28
S SO4 E . -19.32 1.47 6.22
O1 SO4 E . -19.23 2.89 5.85
O2 SO4 E . -20.02 1.36 7.49
O3 SO4 E . -20.03 0.76 5.18
O4 SO4 E . -17.98 0.91 6.36
S SO4 F . -19.43 14.51 12.01
O1 SO4 F . -18.71 14.05 13.19
O2 SO4 F . -18.49 15.03 11.01
O3 SO4 F . -20.19 13.39 11.44
O4 SO4 F . -20.38 15.56 12.38
S SO4 G . 13.88 19.13 -13.74
O1 SO4 G . 12.80 18.56 -14.54
O2 SO4 G . 14.63 20.10 -14.55
O3 SO4 G . 13.32 19.78 -12.58
O4 SO4 G . 14.78 18.07 -13.31
S SO4 H . 18.81 9.86 -12.37
O1 SO4 H . 19.90 10.78 -12.70
O2 SO4 H . 17.83 9.88 -13.44
O3 SO4 H . 19.34 8.51 -12.23
O4 SO4 H . 18.21 10.28 -11.12
S SO4 I . 14.54 11.99 -17.70
O1 SO4 I . 14.65 12.19 -19.15
O2 SO4 I . 15.31 13.04 -17.00
O3 SO4 I . 13.14 12.08 -17.31
O4 SO4 I . 15.06 10.68 -17.35
#